data_9JQF
#
_entry.id   9JQF
#
_cell.length_a   122.748
_cell.length_b   122.748
_cell.length_c   104.691
_cell.angle_alpha   90.00
_cell.angle_beta   90.00
_cell.angle_gamma   120.00
#
_symmetry.space_group_name_H-M   'H 3 2'
#
loop_
_entity.id
_entity.type
_entity.pdbx_description
1 polymer '1-aminocyclopropane-1-carboxylate deaminase/D-cysteine desulfhydrase'
2 non-polymer 'SULFATE ION'
3 water water
#
_entity_poly.entity_id   1
_entity_poly.type   'polypeptide(L)'
_entity_poly.pdbx_seq_one_letter_code
;GSAKDPLNFIKTISPIQKINFNGFEFYIKRDDLLGEINGN(LLP)ARKLAFYIHQRYPKNQSFVSYGGSQSNALAALSIF
AKQRSYKLVFACEKISTFLKNNPCGNYALALENGVDFVENIHSLSLKQFALSLCKKDDVFIEQGIANLEAQYGYMELAQE
IQMQSQSLKLDFDIFLPSGTGTSAAFLAKYSKFKVFTCACVGDIKYLKKQILTLDPSYDFSNLEFLTSDKKYHFAKPYKE
FYELYMDLKLKCNIEFDLLYDILGLSIALKQEWKKPLLYIHQGGILGNSTMLERYKFKKSV
;
_entity_poly.pdbx_strand_id   A
#
loop_
_chem_comp.id
_chem_comp.type
_chem_comp.name
_chem_comp.formula
SO4 non-polymer 'SULFATE ION' 'O4 S -2'
#
# COMPACT_ATOMS: atom_id res chain seq x y z
N ASN A 8 -25.72 6.35 16.84
CA ASN A 8 -25.56 5.19 15.98
C ASN A 8 -24.15 4.62 15.99
N PHE A 9 -24.04 3.32 16.19
CA PHE A 9 -22.80 2.57 15.99
C PHE A 9 -22.94 1.80 14.69
N ILE A 10 -22.03 2.03 13.75
CA ILE A 10 -22.07 1.37 12.46
C ILE A 10 -20.66 0.92 12.11
N LYS A 11 -20.55 -0.30 11.62
CA LYS A 11 -19.28 -0.90 11.25
C LYS A 11 -19.47 -1.78 10.03
N THR A 12 -18.51 -1.75 9.12
CA THR A 12 -18.50 -2.67 7.99
C THR A 12 -17.07 -3.11 7.77
N ILE A 13 -16.90 -4.11 6.89
CA ILE A 13 -15.57 -4.52 6.47
C ILE A 13 -15.60 -4.62 4.96
N SER A 14 -14.45 -4.41 4.33
CA SER A 14 -14.47 -4.29 2.89
C SER A 14 -14.91 -5.61 2.28
N PRO A 15 -15.69 -5.59 1.20
CA PRO A 15 -16.28 -6.82 0.69
C PRO A 15 -15.28 -7.61 -0.15
N ILE A 16 -15.59 -8.89 -0.30
CA ILE A 16 -14.87 -9.77 -1.21
C ILE A 16 -15.73 -9.97 -2.44
N GLN A 17 -15.14 -9.72 -3.60
CA GLN A 17 -15.88 -9.70 -4.86
C GLN A 17 -15.34 -10.79 -5.77
N LYS A 18 -16.24 -11.50 -6.45
CA LYS A 18 -15.86 -12.56 -7.37
C LYS A 18 -15.65 -12.02 -8.77
N ILE A 19 -14.60 -12.49 -9.44
CA ILE A 19 -14.29 -12.04 -10.79
C ILE A 19 -13.89 -13.25 -11.63
N ASN A 20 -14.28 -13.23 -12.90
CA ASN A 20 -13.94 -14.27 -13.87
C ASN A 20 -13.04 -13.64 -14.92
N PHE A 21 -11.79 -14.09 -14.99
CA PHE A 21 -10.84 -13.58 -15.98
C PHE A 21 -10.47 -14.74 -16.90
N ASN A 22 -11.06 -14.73 -18.11
CA ASN A 22 -10.79 -15.74 -19.15
C ASN A 22 -11.05 -17.14 -18.63
N GLY A 23 -12.09 -17.29 -17.81
CA GLY A 23 -12.47 -18.58 -17.28
C GLY A 23 -11.88 -18.88 -15.93
N PHE A 24 -10.92 -18.10 -15.47
CA PHE A 24 -10.34 -18.26 -14.14
C PHE A 24 -11.10 -17.37 -13.16
N GLU A 25 -11.87 -18.00 -12.28
CA GLU A 25 -12.64 -17.28 -11.27
C GLU A 25 -11.77 -17.13 -10.02
N PHE A 26 -11.64 -15.89 -9.54
CA PHE A 26 -10.91 -15.63 -8.29
C PHE A 26 -11.65 -14.54 -7.53
N TYR A 27 -11.07 -14.11 -6.41
CA TYR A 27 -11.76 -13.19 -5.51
C TYR A 27 -10.87 -11.99 -5.25
N ILE A 28 -11.47 -10.80 -5.12
CA ILE A 28 -10.72 -9.58 -4.81
C ILE A 28 -11.24 -9.04 -3.48
N LYS A 29 -10.33 -8.73 -2.57
CA LYS A 29 -10.64 -8.04 -1.33
C LYS A 29 -10.63 -6.54 -1.65
N ARG A 30 -11.82 -5.92 -1.65
CA ARG A 30 -12.01 -4.56 -2.17
C ARG A 30 -11.60 -3.49 -1.16
N ASP A 31 -10.31 -3.48 -0.80
CA ASP A 31 -9.82 -2.48 0.14
C ASP A 31 -9.80 -1.09 -0.46
N ASP A 32 -9.97 -0.95 -1.77
CA ASP A 32 -10.12 0.38 -2.35
C ASP A 32 -11.40 1.06 -1.89
N LEU A 33 -12.32 0.31 -1.28
CA LEU A 33 -13.60 0.86 -0.81
C LEU A 33 -13.57 1.26 0.66
N LEU A 34 -12.38 1.30 1.29
CA LEU A 34 -12.31 1.60 2.71
C LEU A 34 -12.62 3.05 3.04
N GLY A 35 -12.56 3.96 2.07
CA GLY A 35 -12.88 5.35 2.35
C GLY A 35 -11.89 6.28 1.66
N GLU A 36 -11.97 7.56 2.05
CA GLU A 36 -11.04 8.55 1.53
C GLU A 36 -9.62 8.09 1.71
N ILE A 37 -9.32 7.50 2.87
CA ILE A 37 -8.10 6.73 3.06
C ILE A 37 -8.44 5.28 2.77
N ASN A 38 -7.78 4.68 1.77
CA ASN A 38 -8.15 3.32 1.40
C ASN A 38 -6.90 2.53 1.02
N GLY A 39 -7.10 1.23 0.81
CA GLY A 39 -6.04 0.40 0.29
C GLY A 39 -4.92 0.19 1.30
N ASN A 40 -3.73 -0.07 0.73
CA ASN A 40 -2.53 -0.42 1.49
C ASN A 40 -2.25 0.59 2.59
N1 LLP A 41 0.71 -0.89 -3.64
C2 LLP A 41 0.19 0.34 -3.34
C2' LLP A 41 -0.97 0.84 -4.15
C3 LLP A 41 0.74 1.09 -2.31
O3 LLP A 41 0.18 2.29 -2.02
C4 LLP A 41 1.84 0.58 -1.59
C4' LLP A 41 2.37 1.31 -0.39
C5 LLP A 41 2.37 -0.67 -1.92
C6 LLP A 41 1.78 -1.39 -2.95
C5' LLP A 41 3.56 -1.31 -1.26
OP4 LLP A 41 3.47 -1.60 0.13
P LLP A 41 4.76 -2.26 0.84
OP1 LLP A 41 5.82 -1.16 0.83
OP2 LLP A 41 4.31 -2.60 2.23
OP3 LLP A 41 5.24 -3.46 0.05
N LLP A 41 -2.17 1.87 2.24
CA LLP A 41 -1.77 2.87 3.24
CB LLP A 41 -1.41 4.19 2.59
CG LLP A 41 -0.27 4.09 1.55
CD LLP A 41 0.96 3.42 2.14
CE LLP A 41 2.10 3.37 1.13
NZ LLP A 41 1.72 2.54 -0.05
C LLP A 41 -2.85 3.05 4.31
O LLP A 41 -2.53 3.42 5.44
N ALA A 42 -4.13 2.78 3.97
CA ALA A 42 -5.16 2.79 5.00
C ALA A 42 -4.94 1.68 6.02
N ARG A 43 -4.58 0.49 5.54
CA ARG A 43 -4.25 -0.61 6.46
C ARG A 43 -3.06 -0.23 7.32
N LYS A 44 -1.99 0.29 6.70
CA LYS A 44 -0.85 0.69 7.50
C LYS A 44 -1.21 1.74 8.55
N LEU A 45 -2.15 2.64 8.25
CA LEU A 45 -2.48 3.72 9.19
C LEU A 45 -3.37 3.27 10.34
N ALA A 46 -3.83 2.01 10.37
CA ALA A 46 -4.82 1.60 11.36
C ALA A 46 -4.34 1.89 12.78
N PHE A 47 -3.07 1.63 13.07
CA PHE A 47 -2.54 1.93 14.40
C PHE A 47 -2.77 3.39 14.78
N TYR A 48 -2.45 4.31 13.87
CA TYR A 48 -2.54 5.72 14.18
C TYR A 48 -3.98 6.20 14.26
N ILE A 49 -4.86 5.61 13.46
CA ILE A 49 -6.27 5.99 13.48
C ILE A 49 -6.92 5.57 14.79
N HIS A 50 -6.48 4.45 15.36
CA HIS A 50 -7.06 3.96 16.62
C HIS A 50 -6.52 4.70 17.83
N GLN A 51 -5.38 5.38 17.72
CA GLN A 51 -4.91 6.22 18.81
C GLN A 51 -5.80 7.44 18.95
N ARG A 52 -5.75 8.08 20.12
CA ARG A 52 -6.44 9.34 20.35
C ARG A 52 -5.38 10.32 20.82
N TYR A 53 -4.80 11.03 19.87
CA TYR A 53 -3.74 11.98 20.14
C TYR A 53 -4.32 13.31 20.59
N PRO A 54 -3.55 14.08 21.37
CA PRO A 54 -4.01 15.43 21.72
C PRO A 54 -4.25 16.26 20.47
N LYS A 55 -5.11 17.26 20.62
CA LYS A 55 -5.45 18.10 19.49
C LYS A 55 -4.21 18.81 18.96
N ASN A 56 -4.15 18.94 17.63
CA ASN A 56 -3.04 19.56 16.91
C ASN A 56 -1.71 18.81 17.06
N GLN A 57 -1.79 17.51 17.37
CA GLN A 57 -0.61 16.66 17.36
C GLN A 57 0.12 16.76 16.02
N SER A 58 1.45 16.85 16.07
CA SER A 58 2.26 16.92 14.86
C SER A 58 2.85 15.56 14.51
N PHE A 59 2.86 15.25 13.22
CA PHE A 59 3.43 14.03 12.67
C PHE A 59 4.50 14.40 11.65
N VAL A 60 5.63 13.69 11.70
CA VAL A 60 6.74 13.90 10.79
C VAL A 60 6.95 12.64 9.97
N SER A 61 6.96 12.77 8.65
CA SER A 61 7.35 11.68 7.77
C SER A 61 8.20 12.25 6.64
N TYR A 62 8.53 11.38 5.69
CA TYR A 62 9.39 11.76 4.58
C TYR A 62 9.18 10.76 3.44
N GLY A 63 9.70 11.11 2.27
CA GLY A 63 9.60 10.25 1.11
C GLY A 63 9.33 11.07 -0.13
N GLY A 64 8.80 10.40 -1.14
CA GLY A 64 8.57 11.05 -2.41
C GLY A 64 7.45 12.07 -2.32
N SER A 65 7.65 13.22 -2.98
CA SER A 65 6.64 14.27 -3.00
C SER A 65 5.38 13.89 -3.77
N GLN A 66 5.39 12.75 -4.45
CA GLN A 66 4.21 12.25 -5.15
C GLN A 66 3.72 10.91 -4.60
N SER A 67 4.09 10.55 -3.37
CA SER A 67 3.89 9.19 -2.89
C SER A 67 2.48 8.98 -2.33
N ASN A 68 2.01 7.74 -2.41
CA ASN A 68 0.72 7.37 -1.83
C ASN A 68 0.70 7.61 -0.33
N ALA A 69 1.83 7.33 0.34
CA ALA A 69 1.89 7.54 1.78
C ALA A 69 1.71 9.01 2.15
N LEU A 70 2.32 9.91 1.37
CA LEU A 70 2.12 11.34 1.58
C LEU A 70 0.64 11.70 1.50
N ALA A 71 -0.04 11.24 0.43
CA ALA A 71 -1.46 11.52 0.26
C ALA A 71 -2.29 10.96 1.41
N ALA A 72 -2.04 9.71 1.80
CA ALA A 72 -2.80 9.09 2.89
C ALA A 72 -2.57 9.82 4.20
N LEU A 73 -1.31 10.12 4.52
CA LEU A 73 -0.99 10.84 5.75
C LEU A 73 -1.65 12.22 5.78
N SER A 74 -1.70 12.89 4.63
CA SER A 74 -2.28 14.22 4.59
C SER A 74 -3.77 14.18 4.93
N ILE A 75 -4.48 13.14 4.45
CA ILE A 75 -5.90 12.99 4.78
C ILE A 75 -6.06 12.62 6.25
N PHE A 76 -5.26 11.67 6.73
CA PHE A 76 -5.29 11.29 8.14
C PHE A 76 -5.14 12.51 9.03
N ALA A 77 -4.18 13.37 8.72
CA ALA A 77 -3.97 14.55 9.54
C ALA A 77 -5.10 15.55 9.39
N LYS A 78 -5.56 15.79 8.16
CA LYS A 78 -6.58 16.82 7.95
C LYS A 78 -7.90 16.44 8.63
N GLN A 79 -8.29 15.18 8.55
CA GLN A 79 -9.54 14.73 9.16
C GLN A 79 -9.55 14.94 10.67
N ARG A 80 -8.39 14.87 11.31
CA ARG A 80 -8.30 14.86 12.76
C ARG A 80 -7.70 16.14 13.32
N SER A 81 -7.52 17.16 12.49
CA SER A 81 -6.90 18.42 12.89
C SER A 81 -5.50 18.20 13.48
N TYR A 82 -4.82 17.16 13.02
CA TYR A 82 -3.41 16.99 13.28
C TYR A 82 -2.59 17.78 12.26
N LYS A 83 -1.29 17.88 12.49
CA LYS A 83 -0.39 18.51 11.55
C LYS A 83 0.57 17.49 10.98
N LEU A 84 0.86 17.59 9.69
CA LEU A 84 1.82 16.71 9.02
C LEU A 84 3.00 17.52 8.53
N VAL A 85 4.19 17.18 9.01
CA VAL A 85 5.44 17.72 8.50
C VAL A 85 6.05 16.66 7.59
N PHE A 86 6.31 17.01 6.33
CA PHE A 86 6.75 16.02 5.36
C PHE A 86 8.07 16.47 4.74
N ALA A 87 9.14 15.75 5.06
CA ALA A 87 10.46 16.05 4.52
C ALA A 87 10.64 15.35 3.19
N CYS A 88 11.32 16.01 2.26
CA CYS A 88 11.50 15.39 0.95
C CYS A 88 12.71 16.01 0.27
N GLU A 89 13.21 15.31 -0.74
CA GLU A 89 14.31 15.84 -1.54
C GLU A 89 13.87 17.12 -2.25
N LYS A 90 14.84 17.97 -2.55
CA LYS A 90 14.56 19.24 -3.21
C LYS A 90 13.63 19.02 -4.39
N ILE A 91 12.46 19.61 -4.33
CA ILE A 91 11.41 19.34 -5.31
C ILE A 91 11.72 20.05 -6.61
N SER A 92 11.42 19.38 -7.72
CA SER A 92 11.61 19.95 -9.05
C SER A 92 10.91 21.30 -9.17
N THR A 93 11.63 22.27 -9.74
CA THR A 93 11.05 23.59 -9.98
C THR A 93 9.76 23.48 -10.79
N PHE A 94 9.75 22.63 -11.81
CA PHE A 94 8.55 22.45 -12.63
C PHE A 94 7.37 22.00 -11.77
N LEU A 95 7.60 21.01 -10.89
CA LEU A 95 6.50 20.47 -10.09
C LEU A 95 5.99 21.51 -9.10
N LYS A 96 6.90 22.27 -8.47
CA LYS A 96 6.47 23.31 -7.52
C LYS A 96 5.49 24.28 -8.18
N ASN A 97 5.84 24.74 -9.39
CA ASN A 97 4.99 25.68 -10.10
C ASN A 97 3.76 25.02 -10.72
N ASN A 98 3.79 23.70 -10.92
CA ASN A 98 2.71 22.97 -11.57
C ASN A 98 2.33 21.76 -10.72
N ASN A 102 -0.79 13.25 -6.21
CA ASN A 102 -0.71 13.15 -4.75
C ASN A 102 -0.12 14.42 -4.15
N TYR A 103 0.87 15.03 -4.82
CA TYR A 103 1.47 16.25 -4.31
C TYR A 103 0.46 17.38 -4.23
N ALA A 104 -0.41 17.49 -5.22
CA ALA A 104 -1.43 18.54 -5.19
C ALA A 104 -2.43 18.30 -4.07
N LEU A 105 -2.83 17.05 -3.84
CA LEU A 105 -3.77 16.75 -2.76
C LEU A 105 -3.14 17.01 -1.40
N ALA A 106 -1.85 16.70 -1.26
CA ALA A 106 -1.15 16.98 0.00
C ALA A 106 -1.01 18.48 0.21
N LEU A 107 -0.73 19.23 -0.86
CA LEU A 107 -0.72 20.69 -0.77
C LEU A 107 -2.10 21.21 -0.34
N GLU A 108 -3.16 20.64 -0.90
CA GLU A 108 -4.51 21.10 -0.56
C GLU A 108 -4.87 20.75 0.88
N ASN A 109 -4.36 19.64 1.39
CA ASN A 109 -4.62 19.25 2.78
C ASN A 109 -3.71 19.95 3.78
N GLY A 110 -2.88 20.89 3.34
CA GLY A 110 -2.13 21.70 4.27
C GLY A 110 -0.88 21.06 4.83
N VAL A 111 -0.26 20.15 4.09
CA VAL A 111 0.99 19.53 4.55
C VAL A 111 2.10 20.56 4.60
N ASP A 112 2.94 20.48 5.63
CA ASP A 112 4.11 21.34 5.77
C ASP A 112 5.31 20.63 5.14
N PHE A 113 5.61 20.95 3.87
CA PHE A 113 6.76 20.37 3.20
C PHE A 113 8.04 21.04 3.65
N VAL A 114 9.06 20.24 3.95
CA VAL A 114 10.38 20.74 4.34
C VAL A 114 11.40 20.09 3.43
N GLU A 115 12.11 20.90 2.65
CA GLU A 115 12.98 20.37 1.61
C GLU A 115 14.38 20.10 2.14
N ASN A 116 14.99 19.04 1.59
CA ASN A 116 16.31 18.57 1.99
C ASN A 116 17.37 19.40 1.25
N ILE A 117 17.43 20.68 1.62
CA ILE A 117 18.27 21.63 0.88
C ILE A 117 19.73 21.21 0.90
N HIS A 118 20.20 20.70 2.04
CA HIS A 118 21.59 20.26 2.16
C HIS A 118 21.82 18.85 1.61
N SER A 119 20.87 18.35 0.82
CA SER A 119 20.94 17.06 0.14
C SER A 119 21.46 15.96 1.06
N LEU A 120 21.04 15.99 2.32
CA LEU A 120 21.49 15.01 3.31
C LEU A 120 20.63 13.74 3.22
N SER A 121 20.94 12.77 4.06
CA SER A 121 20.11 11.57 4.15
C SER A 121 18.70 11.96 4.57
N LEU A 122 17.73 11.68 3.70
CA LEU A 122 16.38 12.20 3.90
C LEU A 122 15.77 11.68 5.19
N LYS A 123 16.05 10.44 5.56
CA LYS A 123 15.52 9.91 6.82
C LYS A 123 16.13 10.63 8.01
N GLN A 124 17.45 10.82 8.01
CA GLN A 124 18.10 11.54 9.10
C GLN A 124 17.59 12.97 9.15
N PHE A 125 17.48 13.62 8.00
CA PHE A 125 16.87 14.94 7.91
C PHE A 125 15.50 14.95 8.56
N ALA A 126 14.64 14.02 8.15
CA ALA A 126 13.28 13.97 8.69
C ALA A 126 13.29 13.73 10.20
N LEU A 127 14.10 12.77 10.66
CA LEU A 127 14.16 12.47 12.09
C LEU A 127 14.59 13.69 12.89
N SER A 128 15.47 14.51 12.32
CA SER A 128 15.97 15.68 13.05
C SER A 128 14.87 16.72 13.27
N LEU A 129 13.90 16.79 12.35
CA LEU A 129 12.79 17.71 12.53
C LEU A 129 11.81 17.28 13.61
N CYS A 130 11.98 16.07 14.15
CA CYS A 130 10.98 15.47 15.02
C CYS A 130 11.31 15.86 16.46
N LYS A 131 10.52 16.79 17.01
CA LYS A 131 10.75 17.26 18.37
C LYS A 131 10.20 16.26 19.38
N LYS A 132 10.40 16.56 20.66
CA LYS A 132 9.65 15.87 21.69
C LYS A 132 8.17 16.18 21.52
N ASP A 133 7.33 15.18 21.74
CA ASP A 133 5.88 15.18 21.58
C ASP A 133 5.45 15.02 20.13
N ASP A 134 6.36 15.10 19.15
CA ASP A 134 6.00 14.76 17.77
C ASP A 134 6.05 13.25 17.55
N VAL A 135 5.27 12.77 16.59
CA VAL A 135 5.25 11.36 16.22
C VAL A 135 5.97 11.22 14.88
N PHE A 136 7.03 10.42 14.86
CA PHE A 136 7.76 10.12 13.64
C PHE A 136 7.16 8.91 12.95
N ILE A 137 6.89 9.04 11.66
CA ILE A 137 6.36 7.94 10.86
C ILE A 137 7.32 7.68 9.70
N GLU A 138 7.92 6.49 9.70
CA GLU A 138 8.87 6.08 8.68
C GLU A 138 8.29 6.24 7.27
N GLN A 139 9.18 6.47 6.31
CA GLN A 139 8.77 6.56 4.91
C GLN A 139 7.89 5.39 4.51
N GLY A 140 6.78 5.70 3.84
CA GLY A 140 5.85 4.66 3.42
C GLY A 140 5.16 3.95 4.54
N ILE A 141 5.23 4.48 5.77
CA ILE A 141 4.77 3.82 6.99
C ILE A 141 5.34 2.41 7.08
N ALA A 142 6.58 2.26 6.63
CA ALA A 142 7.28 0.97 6.64
C ALA A 142 7.89 0.75 8.02
N ASN A 143 7.01 0.51 8.99
CA ASN A 143 7.45 0.41 10.38
C ASN A 143 6.63 -0.68 11.08
N LEU A 144 6.97 -0.92 12.35
CA LEU A 144 6.29 -1.96 13.12
C LEU A 144 4.83 -1.59 13.41
N GLU A 145 4.52 -0.31 13.51
CA GLU A 145 3.15 0.13 13.76
C GLU A 145 2.21 -0.29 12.64
N ALA A 146 2.75 -0.42 11.42
CA ALA A 146 1.92 -0.77 10.28
C ALA A 146 1.33 -2.16 10.40
N GLN A 147 1.86 -3.01 11.29
CA GLN A 147 1.38 -4.37 11.33
C GLN A 147 -0.02 -4.51 11.89
N TYR A 148 -0.47 -3.53 12.67
CA TYR A 148 -1.76 -3.69 13.34
C TYR A 148 -2.91 -3.66 12.33
N GLY A 149 -2.79 -2.85 11.28
CA GLY A 149 -3.81 -2.89 10.24
C GLY A 149 -3.83 -4.20 9.48
N TYR A 150 -2.69 -4.89 9.41
CA TYR A 150 -2.66 -6.18 8.74
C TYR A 150 -3.09 -7.30 9.67
N MET A 151 -2.91 -7.16 10.99
CA MET A 151 -3.64 -8.04 11.90
C MET A 151 -5.14 -7.91 11.69
N GLU A 152 -5.62 -6.67 11.56
CA GLU A 152 -7.04 -6.45 11.30
C GLU A 152 -7.46 -7.07 9.97
N LEU A 153 -6.68 -6.85 8.92
CA LEU A 153 -7.00 -7.43 7.62
C LEU A 153 -7.03 -8.96 7.69
N ALA A 154 -6.05 -9.55 8.38
CA ALA A 154 -6.06 -11.01 8.56
C ALA A 154 -7.33 -11.46 9.27
N GLN A 155 -7.76 -10.70 10.28
CA GLN A 155 -8.97 -11.08 11.02
C GLN A 155 -10.22 -10.97 10.15
N GLU A 156 -10.30 -9.91 9.33
CA GLU A 156 -11.41 -9.81 8.38
C GLU A 156 -11.43 -11.01 7.41
N ILE A 157 -10.27 -11.35 6.86
CA ILE A 157 -10.20 -12.45 5.90
C ILE A 157 -10.56 -13.76 6.60
N GLN A 158 -10.17 -13.90 7.87
CA GLN A 158 -10.54 -15.10 8.61
C GLN A 158 -12.06 -15.24 8.69
N MET A 159 -12.75 -14.15 9.02
CA MET A 159 -14.21 -14.19 9.09
C MET A 159 -14.81 -14.45 7.71
N GLN A 160 -14.31 -13.77 6.67
CA GLN A 160 -14.94 -13.85 5.35
C GLN A 160 -14.68 -15.21 4.69
N SER A 161 -13.48 -15.73 4.84
CA SER A 161 -13.17 -17.08 4.35
CA SER A 161 -13.18 -17.07 4.34
C SER A 161 -14.12 -18.10 4.94
N GLN A 162 -14.35 -18.03 6.26
CA GLN A 162 -15.25 -18.98 6.90
C GLN A 162 -16.67 -18.83 6.40
N SER A 163 -17.10 -17.58 6.15
CA SER A 163 -18.47 -17.33 5.69
CA SER A 163 -18.47 -17.35 5.69
C SER A 163 -18.71 -17.93 4.31
N LEU A 164 -17.65 -18.01 3.49
CA LEU A 164 -17.69 -18.61 2.17
C LEU A 164 -17.26 -20.07 2.16
N LYS A 165 -16.74 -20.58 3.27
CA LYS A 165 -16.13 -21.91 3.35
C LYS A 165 -15.12 -22.12 2.23
N LEU A 166 -14.24 -21.12 2.06
CA LEU A 166 -13.15 -21.17 1.09
C LEU A 166 -11.82 -21.04 1.81
N ASP A 167 -10.88 -21.89 1.46
CA ASP A 167 -9.52 -21.92 2.00
C ASP A 167 -8.61 -21.20 1.00
N PHE A 168 -8.37 -19.92 1.23
CA PHE A 168 -7.68 -19.17 0.18
C PHE A 168 -6.17 -19.19 0.25
N ASP A 169 -5.60 -18.98 -0.93
CA ASP A 169 -4.21 -18.52 -1.10
C ASP A 169 -4.40 -17.01 -1.33
N ILE A 170 -3.57 -16.20 -0.68
CA ILE A 170 -3.70 -14.74 -0.73
C ILE A 170 -2.54 -14.16 -1.52
N PHE A 171 -2.82 -13.18 -2.38
CA PHE A 171 -1.75 -12.50 -3.09
C PHE A 171 -1.86 -10.99 -2.92
N LEU A 172 -0.72 -10.35 -2.68
CA LEU A 172 -0.63 -8.89 -2.76
C LEU A 172 0.78 -8.52 -3.20
N PRO A 173 0.94 -7.46 -3.97
CA PRO A 173 2.26 -7.07 -4.48
C PRO A 173 3.04 -6.26 -3.46
N SER A 174 4.37 -6.29 -3.60
CA SER A 174 5.25 -5.62 -2.63
C SER A 174 6.09 -4.52 -3.25
N GLY A 175 6.32 -3.48 -2.44
CA GLY A 175 7.38 -2.50 -2.63
C GLY A 175 8.46 -2.79 -1.61
N THR A 176 8.25 -2.35 -0.36
CA THR A 176 9.14 -2.66 0.76
C THR A 176 8.89 -4.03 1.35
N GLY A 177 7.72 -4.61 1.08
CA GLY A 177 7.33 -5.90 1.63
C GLY A 177 6.69 -5.82 2.99
N THR A 178 6.52 -4.61 3.54
CA THR A 178 5.97 -4.46 4.88
C THR A 178 4.57 -5.05 4.98
N SER A 179 3.69 -4.66 4.07
CA SER A 179 2.31 -5.13 4.12
C SER A 179 2.23 -6.64 3.96
N ALA A 180 2.93 -7.20 2.98
CA ALA A 180 2.88 -8.63 2.77
C ALA A 180 3.47 -9.39 3.95
N ALA A 181 4.60 -8.91 4.49
CA ALA A 181 5.20 -9.57 5.63
C ALA A 181 4.23 -9.64 6.81
N PHE A 182 3.51 -8.54 7.08
CA PHE A 182 2.64 -8.56 8.25
C PHE A 182 1.35 -9.31 7.98
N LEU A 183 0.86 -9.31 6.75
CA LEU A 183 -0.31 -10.14 6.48
C LEU A 183 0.03 -11.61 6.67
N ALA A 184 1.20 -12.04 6.18
CA ALA A 184 1.63 -13.42 6.36
C ALA A 184 1.87 -13.74 7.83
N LYS A 185 2.31 -12.75 8.62
CA LYS A 185 2.50 -12.97 10.05
C LYS A 185 1.20 -13.35 10.74
N TYR A 186 0.07 -12.74 10.34
CA TYR A 186 -1.16 -12.93 11.10
C TYR A 186 -2.19 -13.83 10.43
N SER A 187 -2.11 -14.07 9.12
CA SER A 187 -3.09 -14.93 8.45
C SER A 187 -2.77 -16.41 8.64
N LYS A 188 -3.82 -17.23 8.81
CA LYS A 188 -3.65 -18.68 8.72
C LYS A 188 -3.41 -19.14 7.28
N PHE A 189 -3.75 -18.31 6.30
CA PHE A 189 -3.65 -18.69 4.90
C PHE A 189 -2.26 -18.31 4.39
N LYS A 190 -1.79 -19.05 3.39
CA LYS A 190 -0.47 -18.73 2.83
C LYS A 190 -0.56 -17.45 2.02
N VAL A 191 0.45 -16.59 2.18
CA VAL A 191 0.49 -15.28 1.52
C VAL A 191 1.57 -15.33 0.45
N PHE A 192 1.23 -14.82 -0.73
CA PHE A 192 2.12 -14.79 -1.89
C PHE A 192 2.34 -13.35 -2.30
N THR A 193 3.55 -13.04 -2.78
CA THR A 193 3.83 -11.67 -3.17
C THR A 193 4.84 -11.67 -4.30
N CYS A 194 5.18 -10.47 -4.77
CA CYS A 194 6.15 -10.26 -5.83
C CYS A 194 6.92 -9.00 -5.50
N ALA A 195 8.11 -8.90 -6.08
CA ALA A 195 8.97 -7.73 -5.88
C ALA A 195 8.69 -6.74 -6.99
N CYS A 196 7.97 -5.65 -6.68
CA CYS A 196 7.78 -4.62 -7.70
C CYS A 196 8.98 -3.69 -7.79
N VAL A 197 9.73 -3.58 -6.70
CA VAL A 197 10.92 -2.75 -6.60
C VAL A 197 12.11 -3.69 -6.39
N GLY A 198 13.08 -3.64 -7.29
CA GLY A 198 14.21 -4.54 -7.11
C GLY A 198 13.84 -5.98 -7.40
N ASP A 199 14.58 -6.91 -6.80
CA ASP A 199 14.31 -8.33 -6.96
C ASP A 199 13.94 -8.96 -5.63
N ILE A 200 13.69 -10.27 -5.67
CA ILE A 200 13.22 -10.99 -4.48
C ILE A 200 14.30 -10.95 -3.40
N LYS A 201 15.57 -11.08 -3.77
CA LYS A 201 16.64 -10.96 -2.78
C LYS A 201 16.57 -9.62 -2.06
N TYR A 202 16.40 -8.54 -2.81
CA TYR A 202 16.30 -7.21 -2.21
C TYR A 202 15.07 -7.10 -1.32
N LEU A 203 13.97 -7.70 -1.75
CA LEU A 203 12.73 -7.61 -0.98
C LEU A 203 12.87 -8.33 0.36
N LYS A 204 13.44 -9.54 0.36
CA LYS A 204 13.72 -10.23 1.62
C LYS A 204 14.63 -9.39 2.51
N LYS A 205 15.64 -8.75 1.92
CA LYS A 205 16.53 -7.90 2.70
C LYS A 205 15.78 -6.77 3.39
N GLN A 206 14.85 -6.11 2.67
CA GLN A 206 14.05 -5.06 3.29
C GLN A 206 13.23 -5.60 4.44
N ILE A 207 12.59 -6.75 4.25
CA ILE A 207 11.74 -7.30 5.30
C ILE A 207 12.57 -7.61 6.53
N LEU A 208 13.76 -8.19 6.33
CA LEU A 208 14.64 -8.49 7.46
C LEU A 208 15.18 -7.22 8.11
N THR A 209 15.28 -6.12 7.37
CA THR A 209 15.64 -4.86 8.01
C THR A 209 14.51 -4.37 8.91
N LEU A 210 13.26 -4.48 8.42
CA LEU A 210 12.09 -4.13 9.22
C LEU A 210 11.99 -4.98 10.47
N ASP A 211 12.12 -6.30 10.32
CA ASP A 211 11.99 -7.24 11.43
C ASP A 211 13.10 -8.28 11.29
N PRO A 212 14.23 -8.09 11.98
CA PRO A 212 15.35 -9.03 11.85
C PRO A 212 15.02 -10.46 12.24
N SER A 213 13.94 -10.69 13.00
CA SER A 213 13.54 -12.02 13.42
C SER A 213 12.45 -12.58 12.53
N TYR A 214 12.18 -11.95 11.39
CA TYR A 214 11.03 -12.37 10.59
C TYR A 214 11.16 -13.81 10.14
N ASP A 215 10.05 -14.53 10.25
CA ASP A 215 9.93 -15.92 9.85
C ASP A 215 9.19 -15.94 8.51
N PHE A 216 9.90 -16.26 7.43
CA PHE A 216 9.30 -16.33 6.10
C PHE A 216 8.45 -17.58 5.88
N SER A 217 8.11 -18.32 6.94
CA SER A 217 7.46 -19.63 6.74
C SER A 217 6.10 -19.51 6.07
N ASN A 218 5.43 -18.36 6.17
CA ASN A 218 4.09 -18.20 5.62
C ASN A 218 4.05 -17.19 4.49
N LEU A 219 5.20 -16.84 3.91
CA LEU A 219 5.25 -15.87 2.82
C LEU A 219 6.02 -16.47 1.65
N GLU A 220 5.38 -16.54 0.49
CA GLU A 220 6.00 -17.09 -0.71
C GLU A 220 6.21 -15.99 -1.72
N PHE A 221 7.29 -16.11 -2.49
CA PHE A 221 7.67 -15.08 -3.46
C PHE A 221 7.53 -15.64 -4.86
N LEU A 222 6.76 -14.93 -5.69
CA LEU A 222 6.56 -15.31 -7.08
C LEU A 222 7.35 -14.40 -8.01
N THR A 223 7.89 -14.98 -9.08
CA THR A 223 8.66 -14.25 -10.08
C THR A 223 7.81 -13.98 -11.31
N SER A 224 8.09 -12.88 -11.99
CA SER A 224 7.45 -12.64 -13.27
C SER A 224 8.28 -13.31 -14.34
N ASP A 225 7.62 -13.76 -15.40
CA ASP A 225 8.36 -14.36 -16.50
C ASP A 225 9.02 -13.31 -17.38
N LYS A 226 8.77 -12.04 -17.10
CA LYS A 226 9.42 -10.94 -17.77
C LYS A 226 9.92 -9.98 -16.71
N LYS A 227 11.10 -9.40 -16.92
CA LYS A 227 11.60 -8.36 -16.04
C LYS A 227 10.88 -7.06 -16.35
N TYR A 228 10.10 -6.56 -15.39
CA TYR A 228 9.43 -5.28 -15.49
C TYR A 228 10.16 -4.28 -14.61
N HIS A 229 10.46 -3.11 -15.17
CA HIS A 229 11.13 -2.06 -14.40
C HIS A 229 10.10 -1.16 -13.74
N PHE A 230 10.29 -0.91 -12.45
CA PHE A 230 9.34 -0.12 -11.68
C PHE A 230 9.12 1.25 -12.31
N ALA A 231 7.84 1.63 -12.41
CA ALA A 231 7.35 2.93 -12.88
C ALA A 231 7.58 3.14 -14.37
N LYS A 232 7.99 2.11 -15.10
CA LYS A 232 8.00 2.28 -16.55
C LYS A 232 6.68 1.78 -17.14
N PRO A 233 6.17 2.45 -18.17
CA PRO A 233 4.91 2.01 -18.78
C PRO A 233 5.11 0.77 -19.63
N TYR A 234 4.10 -0.11 -19.61
CA TYR A 234 4.10 -1.32 -20.43
C TYR A 234 2.73 -1.47 -21.09
N LYS A 235 2.74 -1.69 -22.41
CA LYS A 235 1.48 -1.83 -23.16
C LYS A 235 0.53 -2.82 -22.50
N GLU A 236 1.05 -3.98 -22.09
CA GLU A 236 0.18 -5.01 -21.55
C GLU A 236 -0.43 -4.58 -20.22
N PHE A 237 0.26 -3.74 -19.46
CA PHE A 237 -0.30 -3.22 -18.21
C PHE A 237 -1.44 -2.25 -18.48
N TYR A 238 -1.26 -1.36 -19.46
CA TYR A 238 -2.34 -0.42 -19.79
C TYR A 238 -3.57 -1.16 -20.27
N GLU A 239 -3.37 -2.22 -21.06
CA GLU A 239 -4.50 -2.97 -21.59
C GLU A 239 -5.25 -3.71 -20.49
N LEU A 240 -4.51 -4.32 -19.56
CA LEU A 240 -5.16 -4.99 -18.44
C LEU A 240 -5.88 -3.99 -17.54
N TYR A 241 -5.24 -2.85 -17.26
CA TYR A 241 -5.85 -1.78 -16.49
C TYR A 241 -7.17 -1.35 -17.10
N MET A 242 -7.16 -1.09 -18.42
CA MET A 242 -8.37 -0.61 -19.09
C MET A 242 -9.46 -1.67 -19.13
N ASP A 243 -9.08 -2.93 -19.36
CA ASP A 243 -10.05 -4.03 -19.33
C ASP A 243 -10.70 -4.15 -17.96
N LEU A 244 -9.92 -4.12 -16.89
CA LEU A 244 -10.51 -4.24 -15.56
C LEU A 244 -11.42 -3.06 -15.26
N LYS A 245 -11.01 -1.86 -15.68
CA LYS A 245 -11.82 -0.67 -15.48
C LYS A 245 -13.12 -0.72 -16.29
N LEU A 246 -13.02 -1.00 -17.59
CA LEU A 246 -14.22 -0.93 -18.43
C LEU A 246 -15.15 -2.11 -18.22
N LYS A 247 -14.61 -3.31 -18.03
CA LYS A 247 -15.46 -4.50 -17.95
C LYS A 247 -15.92 -4.83 -16.54
N CYS A 248 -15.16 -4.42 -15.52
CA CYS A 248 -15.47 -4.75 -14.13
C CYS A 248 -15.68 -3.54 -13.24
N ASN A 249 -15.48 -2.32 -13.75
CA ASN A 249 -15.52 -1.10 -12.95
C ASN A 249 -14.65 -1.21 -11.71
N ILE A 250 -13.47 -1.82 -11.86
CA ILE A 250 -12.47 -1.83 -10.80
C ILE A 250 -11.21 -1.18 -11.35
N GLU A 251 -10.86 -0.02 -10.83
CA GLU A 251 -9.60 0.62 -11.19
C GLU A 251 -8.50 0.13 -10.25
N PHE A 252 -7.33 -0.17 -10.82
CA PHE A 252 -6.16 -0.58 -10.07
C PHE A 252 -5.03 0.41 -10.24
N ASP A 253 -4.19 0.50 -9.22
CA ASP A 253 -2.96 1.25 -9.31
C ASP A 253 -2.02 0.64 -10.34
N LEU A 254 -1.41 1.49 -11.17
CA LEU A 254 -0.55 1.06 -12.26
C LEU A 254 0.89 0.80 -11.84
N LEU A 255 1.32 1.24 -10.65
CA LEU A 255 2.70 1.05 -10.23
C LEU A 255 2.93 -0.33 -9.63
N TYR A 256 2.01 -0.82 -8.81
CA TYR A 256 2.16 -2.10 -8.11
C TYR A 256 1.08 -3.10 -8.48
N ASP A 257 -0.19 -2.72 -8.41
CA ASP A 257 -1.23 -3.73 -8.51
C ASP A 257 -1.34 -4.31 -9.91
N ILE A 258 -1.09 -3.54 -10.96
CA ILE A 258 -1.27 -4.12 -12.29
C ILE A 258 -0.19 -5.17 -12.57
N LEU A 259 1.04 -4.94 -12.09
CA LEU A 259 2.06 -5.98 -12.14
C LEU A 259 1.65 -7.18 -11.28
N GLY A 260 1.18 -6.90 -10.06
CA GLY A 260 0.77 -8.00 -9.18
C GLY A 260 -0.30 -8.86 -9.80
N LEU A 261 -1.34 -8.22 -10.37
CA LEU A 261 -2.38 -8.99 -11.06
C LEU A 261 -1.80 -9.78 -12.22
N SER A 262 -0.90 -9.17 -12.99
CA SER A 262 -0.37 -9.84 -14.17
C SER A 262 0.35 -11.12 -13.77
N ILE A 263 1.07 -11.08 -12.66
CA ILE A 263 1.76 -12.27 -12.15
C ILE A 263 0.77 -13.29 -11.59
N ALA A 264 -0.17 -12.83 -10.73
CA ALA A 264 -1.11 -13.75 -10.11
C ALA A 264 -1.93 -14.50 -11.15
N LEU A 265 -2.31 -13.81 -12.23
CA LEU A 265 -3.13 -14.44 -13.26
C LEU A 265 -2.37 -15.45 -14.10
N LYS A 266 -1.04 -15.48 -14.01
CA LYS A 266 -0.26 -16.49 -14.73
C LYS A 266 0.08 -17.71 -13.88
N GLN A 267 -0.19 -17.68 -12.58
CA GLN A 267 0.09 -18.81 -11.70
C GLN A 267 -1.02 -19.85 -11.76
N GLU A 268 -0.64 -21.11 -11.55
CA GLU A 268 -1.58 -22.17 -11.27
C GLU A 268 -1.84 -22.23 -9.77
N TRP A 269 -3.06 -21.94 -9.36
CA TRP A 269 -3.40 -21.89 -7.94
C TRP A 269 -4.05 -23.21 -7.54
N LYS A 270 -3.59 -23.79 -6.43
CA LYS A 270 -4.16 -25.03 -5.92
C LYS A 270 -5.31 -24.79 -4.94
N LYS A 271 -5.53 -23.54 -4.56
CA LYS A 271 -6.60 -23.08 -3.69
C LYS A 271 -7.26 -21.90 -4.36
N PRO A 272 -8.49 -21.57 -3.99
CA PRO A 272 -9.08 -20.31 -4.46
C PRO A 272 -8.17 -19.14 -4.12
N LEU A 273 -8.06 -18.19 -5.03
CA LEU A 273 -7.16 -17.06 -4.88
C LEU A 273 -7.93 -15.84 -4.37
N LEU A 274 -7.42 -15.24 -3.30
CA LEU A 274 -7.88 -13.92 -2.84
C LEU A 274 -6.79 -12.91 -3.17
N TYR A 275 -7.10 -11.98 -4.07
CA TYR A 275 -6.21 -10.87 -4.43
C TYR A 275 -6.56 -9.66 -3.57
N ILE A 276 -5.57 -9.06 -2.89
CA ILE A 276 -5.83 -7.89 -2.04
C ILE A 276 -5.67 -6.62 -2.87
N HIS A 277 -6.77 -5.87 -3.06
CA HIS A 277 -6.68 -4.58 -3.77
C HIS A 277 -5.86 -3.62 -2.92
N GLN A 278 -4.86 -2.97 -3.52
CA GLN A 278 -3.97 -2.06 -2.79
C GLN A 278 -4.46 -0.62 -2.79
N GLY A 279 -5.55 -0.30 -3.49
CA GLY A 279 -6.00 1.07 -3.56
C GLY A 279 -4.98 1.96 -4.24
N GLY A 280 -4.92 3.21 -3.79
CA GLY A 280 -3.97 4.16 -4.33
C GLY A 280 -4.23 4.62 -5.76
N ILE A 281 -5.49 4.56 -6.22
CA ILE A 281 -5.72 4.88 -7.62
C ILE A 281 -5.58 6.38 -7.89
N LEU A 282 -5.65 7.23 -6.86
CA LEU A 282 -5.41 8.64 -7.08
C LEU A 282 -3.96 8.90 -7.49
N GLY A 283 -3.06 7.98 -7.19
CA GLY A 283 -1.70 8.09 -7.70
C GLY A 283 -1.54 7.77 -9.16
N ASN A 284 -2.61 7.31 -9.83
CA ASN A 284 -2.49 6.97 -11.24
C ASN A 284 -2.31 8.17 -12.14
N SER A 285 -2.55 9.38 -11.63
CA SER A 285 -2.38 10.59 -12.43
C SER A 285 -1.01 10.61 -13.10
N THR A 286 0.04 10.35 -12.31
CA THR A 286 1.40 10.46 -12.84
C THR A 286 1.70 9.36 -13.84
N MET A 287 1.31 8.11 -13.54
CA MET A 287 1.60 7.02 -14.47
C MET A 287 0.84 7.18 -15.78
N LEU A 288 -0.43 7.57 -15.72
CA LEU A 288 -1.21 7.70 -16.95
C LEU A 288 -0.58 8.70 -17.92
N GLU A 289 0.07 9.75 -17.41
CA GLU A 289 0.81 10.66 -18.27
C GLU A 289 1.88 9.92 -19.06
N ARG A 290 2.54 8.95 -18.43
CA ARG A 290 3.56 8.18 -19.13
C ARG A 290 2.98 7.21 -20.15
N TYR A 291 1.67 7.00 -20.15
CA TYR A 291 1.03 6.09 -21.07
C TYR A 291 0.47 6.81 -22.29
S SO4 B . 7.60 -6.96 16.63
O1 SO4 B . 7.83 -8.29 17.19
O2 SO4 B . 6.20 -6.83 16.25
O3 SO4 B . 7.91 -5.93 17.61
O4 SO4 B . 8.43 -6.82 15.44
S SO4 C . 14.89 -5.12 -20.18
O1 SO4 C . 14.52 -6.54 -20.22
O2 SO4 C . 15.65 -4.78 -21.38
O3 SO4 C . 13.67 -4.31 -20.13
O4 SO4 C . 15.69 -4.85 -18.99
S SO4 D . 13.38 -1.92 -10.71
O1 SO4 D . 12.11 -2.56 -11.03
O2 SO4 D . 13.67 -0.89 -11.71
O3 SO4 D . 13.33 -1.34 -9.37
O4 SO4 D . 14.45 -2.92 -10.76
#